data_5HCT
#
_entry.id   5HCT
#
_cell.length_a   45.234
_cell.length_b   72.822
_cell.length_c   52.704
_cell.angle_alpha   90.00
_cell.angle_beta   108.91
_cell.angle_gamma   90.00
#
_symmetry.space_group_name_H-M   'P 1 21 1'
#
loop_
_entity.id
_entity.type
_entity.pdbx_description
1 polymer Endothiapepsin
2 non-polymer 'DIMETHYL SULFOXIDE'
3 non-polymer GLYCEROL
4 non-polymer 'ACETATE ION'
5 non-polymer "2-amino-N'-{3-[(E)-{2-[(2S)-2-amino-3-(1H-indol-3-yl)propanoyl]hydrazinylidene}methyl]benzylidene}-3-(1H-indol-2-yl)propanehydrazide (non-preferred name)"
6 non-polymer 1,2-ETHANEDIOL
7 non-polymer 'TETRAETHYLENE GLYCOL'
8 water water
#
_entity_poly.entity_id   1
_entity_poly.type   'polypeptide(L)'
_entity_poly.pdbx_seq_one_letter_code
;MSSPLKNALVTAMLAGGALSSPTKQHVGIPVNASPEVGPGKYSFKQVRNPNYKFNGPLSVKKTYLKYGVPIPAWLEDAVQ
NSTSGLAERSTGSATTTPIDSLDDAYITPVQIGTPAQTLNLDFDTGSSDLWVFSSETTASEVDGQTIYTPSKSTTAKLLS
GATWSISYGDGSSSSGDVYTDTVSVGGLTVTGQAVESAKKVSSSFTEDSTIDGLLGLAFSTLNTVSPTQQKTFFDNAKAS
LDSPVFTADLGYHAPGTYNFGFIDTTAYTGSITYTAVSTKQGFWEWTSTGYAVGSGTFKSTSIDGIADTGTTLLYLPATV
VSAYWAQVSGAKSSSSVGGYVFPCSATLPSFTFGVGSARIVIPGDYIDFGPISTGSSSCFGGIQSSAGIGINIFGDVALK
AAFVVFNGATTPTLGFASK
;
_entity_poly.pdbx_strand_id   A
#
loop_
_chem_comp.id
_chem_comp.type
_chem_comp.name
_chem_comp.formula
61P non-polymer '2-amino-N'-{3-[(E)-{2-[(2S)-2-amino-3-(1H-indol-3-yl)propanoyl]hydrazinylidene}methyl]benzylidene}-3-(1H-indol-2-yl)propanehydrazide (non-preferred name)' 'C30 H30 N8 O2'
ACT non-polymer 'ACETATE ION' 'C2 H3 O2 -1'
DMS non-polymer 'DIMETHYL SULFOXIDE' 'C2 H6 O S'
EDO non-polymer 1,2-ETHANEDIOL 'C2 H6 O2'
GOL non-polymer GLYCEROL 'C3 H8 O3'
PG4 non-polymer 'TETRAETHYLENE GLYCOL' 'C8 H18 O5'
#
# COMPACT_ATOMS: atom_id res chain seq x y z
N SER A 90 -21.66 -1.54 -10.70
CA SER A 90 -20.51 -2.32 -11.28
C SER A 90 -19.62 -2.83 -10.16
N THR A 91 -18.76 -3.77 -10.50
CA THR A 91 -17.72 -4.23 -9.59
C THR A 91 -16.46 -4.54 -10.40
N GLY A 92 -15.34 -4.72 -9.70
CA GLY A 92 -14.13 -5.23 -10.30
C GLY A 92 -13.44 -6.14 -9.31
N SER A 93 -12.61 -7.03 -9.83
CA SER A 93 -11.88 -7.97 -9.00
C SER A 93 -10.58 -8.31 -9.71
N ALA A 94 -9.44 -8.02 -9.07
CA ALA A 94 -8.14 -8.28 -9.67
C ALA A 94 -7.22 -8.96 -8.68
N THR A 95 -6.42 -9.90 -9.17
CA THR A 95 -5.41 -10.55 -8.35
C THR A 95 -4.18 -9.67 -8.22
N THR A 96 -3.63 -9.62 -7.00
CA THR A 96 -2.41 -8.87 -6.71
C THR A 96 -1.33 -9.87 -6.27
N THR A 97 -0.11 -9.67 -6.76
CA THR A 97 0.94 -10.70 -6.67
C THR A 97 2.20 -10.08 -6.06
N PRO A 98 2.81 -10.73 -5.06
CA PRO A 98 4.08 -10.20 -4.54
C PRO A 98 5.15 -10.08 -5.62
N ILE A 99 5.97 -9.03 -5.57
CA ILE A 99 7.00 -8.82 -6.59
C ILE A 99 8.23 -9.70 -6.38
N ASP A 100 8.37 -10.24 -5.18
CA ASP A 100 9.55 -11.02 -4.82
C ASP A 100 9.24 -11.92 -3.64
N SER A 101 10.24 -12.69 -3.21
CA SER A 101 10.05 -13.71 -2.19
C SER A 101 9.85 -13.16 -0.78
N LEU A 102 10.02 -11.86 -0.61
CA LEU A 102 9.88 -11.20 0.68
C LEU A 102 8.57 -10.42 0.81
N ASP A 103 7.74 -10.41 -0.24
CA ASP A 103 6.54 -9.58 -0.25
C ASP A 103 6.92 -8.10 -0.10
N ASP A 104 7.96 -7.66 -0.80
CA ASP A 104 8.37 -6.26 -0.68
C ASP A 104 7.31 -5.27 -1.20
N ALA A 105 6.51 -5.74 -2.16
CA ALA A 105 5.39 -4.97 -2.69
C ALA A 105 4.53 -5.95 -3.48
N TYR A 106 3.37 -5.48 -3.89
CA TYR A 106 2.42 -6.27 -4.68
C TYR A 106 2.05 -5.52 -5.95
N ILE A 107 1.96 -6.25 -7.05
CA ILE A 107 1.58 -5.68 -8.33
C ILE A 107 0.30 -6.29 -8.85
N THR A 108 -0.49 -5.43 -9.49
CA THR A 108 -1.82 -5.77 -9.96
C THR A 108 -1.93 -5.32 -11.41
N PRO A 109 -2.38 -6.20 -12.31
CA PRO A 109 -2.44 -5.80 -13.72
C PRO A 109 -3.58 -4.77 -13.94
N VAL A 110 -3.30 -3.75 -14.74
CA VAL A 110 -4.22 -2.66 -15.04
C VAL A 110 -4.21 -2.43 -16.54
N GLN A 111 -5.39 -2.35 -17.14
CA GLN A 111 -5.51 -2.09 -18.57
C GLN A 111 -5.69 -0.60 -18.81
N ILE A 112 -4.82 -0.03 -19.65
CA ILE A 112 -4.86 1.40 -19.94
C ILE A 112 -4.93 1.59 -21.46
N GLY A 113 -5.89 2.40 -21.92
CA GLY A 113 -5.94 2.78 -23.32
C GLY A 113 -6.68 1.80 -24.21
N THR A 114 -6.71 2.14 -25.50
CA THR A 114 -7.43 1.37 -26.50
C THR A 114 -6.57 1.27 -27.75
N PRO A 115 -6.18 0.05 -28.18
CA PRO A 115 -6.36 -1.24 -27.49
C PRO A 115 -5.65 -1.21 -26.14
N ALA A 116 -6.05 -2.12 -25.26
CA ALA A 116 -5.49 -2.15 -23.91
C ALA A 116 -3.97 -2.31 -23.91
N GLN A 117 -3.33 -1.53 -23.05
CA GLN A 117 -1.94 -1.72 -22.68
C GLN A 117 -1.96 -2.15 -21.21
N THR A 118 -1.47 -3.34 -20.93
CA THR A 118 -1.51 -3.85 -19.57
C THR A 118 -0.20 -3.55 -18.88
N LEU A 119 -0.29 -2.79 -17.77
CA LEU A 119 0.84 -2.48 -16.92
C LEU A 119 0.58 -3.05 -15.53
N ASN A 120 1.65 -3.44 -14.85
CA ASN A 120 1.54 -3.98 -13.50
C ASN A 120 1.83 -2.88 -12.51
N LEU A 121 0.79 -2.44 -11.80
CA LEU A 121 0.89 -1.27 -10.93
C LEU A 121 0.85 -1.67 -9.46
N ASP A 122 1.49 -0.85 -8.65
CA ASP A 122 1.51 -1.01 -7.21
C ASP A 122 0.35 -0.20 -6.64
N PHE A 123 -0.70 -0.89 -6.19
CA PHE A 123 -1.86 -0.22 -5.61
C PHE A 123 -1.47 0.32 -4.23
N ASP A 124 -1.62 1.63 -4.06
CA ASP A 124 -1.03 2.32 -2.93
C ASP A 124 -2.10 3.14 -2.21
N THR A 125 -2.61 2.60 -1.09
CA THR A 125 -3.61 3.33 -0.30
C THR A 125 -3.01 4.51 0.47
N GLY A 126 -1.70 4.70 0.37
CA GLY A 126 -1.00 5.83 0.95
C GLY A 126 -0.73 7.03 0.03
N SER A 127 -1.21 6.98 -1.21
CA SER A 127 -1.03 8.12 -2.12
C SER A 127 -2.19 8.14 -3.11
N SER A 128 -2.23 9.16 -3.96
CA SER A 128 -3.44 9.47 -4.73
C SER A 128 -3.18 9.83 -6.17
N ASP A 129 -2.04 9.37 -6.69
CA ASP A 129 -1.66 9.58 -8.09
C ASP A 129 -1.58 8.22 -8.78
N LEU A 130 -2.14 8.15 -9.98
CA LEU A 130 -1.98 7.00 -10.86
C LEU A 130 -0.93 7.42 -11.87
N TRP A 131 0.30 6.93 -11.70
CA TRP A 131 1.38 7.29 -12.61
C TRP A 131 2.04 6.04 -13.16
N VAL A 132 2.57 6.18 -14.37
CA VAL A 132 3.13 5.07 -15.12
C VAL A 132 4.43 5.42 -15.80
N PHE A 133 5.32 4.43 -15.89
CA PHE A 133 6.41 4.47 -16.85
C PHE A 133 5.79 4.61 -18.23
N SER A 134 6.43 5.38 -19.10
CA SER A 134 5.81 5.67 -20.38
C SER A 134 6.85 5.88 -21.47
N SER A 135 6.36 6.10 -22.68
CA SER A 135 7.20 6.47 -23.80
C SER A 135 7.89 7.82 -23.61
N GLU A 136 7.47 8.56 -22.60
CA GLU A 136 8.05 9.87 -22.26
C GLU A 136 9.12 9.80 -21.18
N THR A 137 9.25 8.65 -20.52
CA THR A 137 10.20 8.53 -19.41
C THR A 137 11.63 8.56 -19.94
N THR A 138 12.46 9.42 -19.34
CA THR A 138 13.88 9.51 -19.65
C THR A 138 14.45 8.10 -19.82
N ALA A 139 15.03 7.82 -20.98
CA ALA A 139 15.44 6.47 -21.34
C ALA A 139 16.38 5.82 -20.32
N SER A 140 17.30 6.63 -19.80
CA SER A 140 18.29 6.13 -18.84
C SER A 140 17.65 5.71 -17.51
N GLU A 141 16.39 6.10 -17.30
CA GLU A 141 15.69 5.80 -16.04
C GLU A 141 14.68 4.65 -16.17
N VAL A 142 14.65 4.02 -17.34
CA VAL A 142 13.80 2.84 -17.58
C VAL A 142 14.69 1.58 -17.67
N ASP A 143 14.36 0.57 -16.87
CA ASP A 143 15.13 -0.69 -16.78
C ASP A 143 14.26 -1.94 -16.65
N GLY A 144 13.60 -2.30 -17.74
CA GLY A 144 12.81 -3.51 -17.81
C GLY A 144 11.33 -3.32 -17.62
N GLN A 145 10.89 -2.13 -17.21
CA GLN A 145 9.46 -1.89 -17.00
C GLN A 145 8.72 -1.88 -18.31
N THR A 146 7.44 -2.23 -18.25
CA THR A 146 6.53 -2.07 -19.36
C THR A 146 6.05 -0.63 -19.33
N ILE A 147 6.05 0.00 -20.51
CA ILE A 147 5.68 1.41 -20.62
C ILE A 147 4.32 1.60 -21.28
N TYR A 148 3.64 2.66 -20.86
CA TYR A 148 2.45 3.18 -21.52
C TYR A 148 2.85 4.12 -22.64
N THR A 149 2.29 3.90 -23.82
CA THR A 149 2.56 4.75 -24.98
C THR A 149 1.27 5.42 -25.40
N PRO A 150 1.04 6.66 -24.96
CA PRO A 150 -0.28 7.26 -25.24
C PRO A 150 -0.53 7.43 -26.73
N SER A 151 0.50 7.62 -27.54
CA SER A 151 0.30 7.80 -28.98
C SER A 151 -0.27 6.55 -29.67
N LYS A 152 -0.22 5.41 -28.99
CA LYS A 152 -0.79 4.17 -29.53
C LYS A 152 -2.21 3.89 -29.01
N SER A 153 -2.72 4.79 -28.18
CA SER A 153 -4.07 4.65 -27.63
C SER A 153 -5.04 5.61 -28.31
N THR A 154 -6.09 5.08 -28.92
CA THR A 154 -7.06 5.91 -29.62
C THR A 154 -7.93 6.73 -28.69
N THR A 155 -7.88 6.42 -27.39
CA THR A 155 -8.72 7.09 -26.39
C THR A 155 -7.89 8.05 -25.50
N ALA A 156 -6.57 8.09 -25.70
CA ALA A 156 -5.70 8.99 -24.93
C ALA A 156 -5.87 10.42 -25.40
N LYS A 157 -5.89 11.34 -24.45
N LYS A 157 -5.89 11.35 -24.46
CA LYS A 157 -5.92 12.78 -24.73
CA LYS A 157 -5.90 12.78 -24.77
C LYS A 157 -4.99 13.47 -23.75
C LYS A 157 -5.04 13.52 -23.77
N LEU A 158 -4.11 14.32 -24.27
CA LEU A 158 -3.27 15.13 -23.41
C LEU A 158 -4.17 16.02 -22.56
N LEU A 159 -3.91 16.05 -21.25
CA LEU A 159 -4.58 17.00 -20.37
C LEU A 159 -3.71 18.25 -20.41
N SER A 160 -4.06 19.15 -21.30
N SER A 160 -4.05 19.15 -21.31
CA SER A 160 -3.15 20.23 -21.67
CA SER A 160 -3.18 20.26 -21.65
C SER A 160 -2.81 21.15 -20.50
C SER A 160 -2.81 21.12 -20.45
N GLY A 161 -1.51 21.34 -20.29
CA GLY A 161 -1.02 22.21 -19.24
C GLY A 161 -0.80 21.55 -17.90
N ALA A 162 -1.27 20.33 -17.74
CA ALA A 162 -1.21 19.68 -16.44
C ALA A 162 0.14 19.01 -16.23
N THR A 163 0.70 19.18 -15.04
CA THR A 163 1.92 18.49 -14.66
C THR A 163 1.73 17.90 -13.27
N TRP A 164 2.64 17.00 -12.89
CA TRP A 164 2.56 16.36 -11.59
C TRP A 164 3.96 16.11 -11.08
N SER A 165 4.08 16.02 -9.77
CA SER A 165 5.37 15.77 -9.13
C SER A 165 5.10 15.30 -7.73
N ILE A 166 5.65 14.14 -7.38
CA ILE A 166 5.36 13.53 -6.10
C ILE A 166 6.65 13.09 -5.45
N SER A 167 6.72 13.32 -4.14
CA SER A 167 7.82 12.87 -3.32
C SER A 167 7.21 12.03 -2.23
N TYR A 168 7.58 10.76 -2.18
CA TYR A 168 7.05 9.84 -1.19
C TYR A 168 7.85 9.95 0.10
N GLY A 169 7.25 9.51 1.20
CA GLY A 169 7.84 9.64 2.51
C GLY A 169 9.23 9.04 2.62
N ASP A 170 9.49 8.00 1.84
CA ASP A 170 10.77 7.30 1.88
C ASP A 170 11.89 8.06 1.15
N GLY A 171 11.51 9.01 0.31
CA GLY A 171 12.50 9.78 -0.44
C GLY A 171 12.48 9.52 -1.93
N SER A 172 11.65 8.57 -2.36
N SER A 172 11.67 8.56 -2.37
CA SER A 172 11.47 8.28 -3.77
CA SER A 172 11.55 8.29 -3.80
C SER A 172 10.66 9.40 -4.41
C SER A 172 10.59 9.30 -4.43
N SER A 173 10.72 9.51 -5.73
CA SER A 173 9.96 10.55 -6.43
C SER A 173 9.76 10.24 -7.91
N SER A 174 8.80 10.95 -8.51
CA SER A 174 8.57 10.88 -9.93
C SER A 174 7.79 12.13 -10.35
N SER A 175 7.82 12.43 -11.64
CA SER A 175 7.12 13.61 -12.15
C SER A 175 6.92 13.51 -13.65
N GLY A 176 6.01 14.30 -14.16
CA GLY A 176 5.77 14.34 -15.59
C GLY A 176 4.54 15.11 -15.99
N ASP A 177 3.91 14.68 -17.08
CA ASP A 177 2.69 15.32 -17.59
C ASP A 177 1.54 14.32 -17.53
N VAL A 178 0.39 14.68 -18.09
CA VAL A 178 -0.85 13.95 -17.81
C VAL A 178 -1.69 13.75 -19.06
N TYR A 179 -2.21 12.53 -19.19
CA TYR A 179 -3.19 12.18 -20.21
C TYR A 179 -4.44 11.73 -19.51
N THR A 180 -5.58 11.85 -20.18
CA THR A 180 -6.76 11.11 -19.74
C THR A 180 -6.90 9.91 -20.67
N ASP A 181 -7.36 8.80 -20.12
CA ASP A 181 -7.55 7.60 -20.94
C ASP A 181 -8.49 6.66 -20.19
N THR A 182 -8.88 5.59 -20.86
CA THR A 182 -9.71 4.56 -20.26
C THR A 182 -8.85 3.61 -19.47
N VAL A 183 -9.23 3.35 -18.22
CA VAL A 183 -8.46 2.51 -17.31
C VAL A 183 -9.41 1.46 -16.74
N SER A 184 -9.00 0.19 -16.81
CA SER A 184 -9.79 -0.90 -16.27
C SER A 184 -8.99 -1.74 -15.30
N VAL A 185 -9.62 -2.09 -14.19
CA VAL A 185 -9.04 -2.94 -13.16
C VAL A 185 -10.01 -4.08 -12.90
N GLY A 186 -9.61 -5.29 -13.23
CA GLY A 186 -10.40 -6.46 -12.88
C GLY A 186 -11.81 -6.41 -13.42
N GLY A 187 -11.97 -5.85 -14.63
CA GLY A 187 -13.27 -5.75 -15.26
C GLY A 187 -14.05 -4.47 -14.99
N LEU A 188 -13.55 -3.62 -14.09
CA LEU A 188 -14.18 -2.33 -13.78
C LEU A 188 -13.50 -1.24 -14.59
N THR A 189 -14.28 -0.49 -15.37
CA THR A 189 -13.75 0.50 -16.30
C THR A 189 -14.11 1.91 -15.88
N VAL A 190 -13.11 2.79 -15.90
CA VAL A 190 -13.28 4.23 -15.75
C VAL A 190 -12.85 4.90 -17.04
N THR A 191 -13.72 5.71 -17.62
CA THR A 191 -13.32 6.55 -18.74
C THR A 191 -12.88 7.91 -18.21
N GLY A 192 -11.94 8.53 -18.91
CA GLY A 192 -11.47 9.85 -18.53
C GLY A 192 -10.58 9.88 -17.29
N GLN A 193 -9.97 8.75 -16.95
CA GLN A 193 -9.06 8.70 -15.81
C GLN A 193 -7.77 9.45 -16.11
N ALA A 194 -7.32 10.27 -15.16
CA ALA A 194 -6.02 10.91 -15.30
C ALA A 194 -4.92 9.86 -15.13
N VAL A 195 -4.13 9.70 -16.19
CA VAL A 195 -2.99 8.81 -16.22
C VAL A 195 -1.75 9.69 -16.30
N GLU A 196 -0.98 9.66 -15.24
CA GLU A 196 0.15 10.58 -15.09
C GLU A 196 1.39 9.91 -15.67
N SER A 197 1.87 10.47 -16.77
CA SER A 197 2.97 9.90 -17.53
C SER A 197 4.29 10.42 -16.96
N ALA A 198 5.16 9.51 -16.51
CA ALA A 198 6.43 9.92 -15.91
C ALA A 198 7.40 10.38 -16.98
N LYS A 199 7.96 11.57 -16.77
CA LYS A 199 9.14 11.98 -17.52
C LYS A 199 10.42 11.63 -16.75
N LYS A 200 10.32 11.64 -15.43
CA LYS A 200 11.44 11.37 -14.56
C LYS A 200 10.99 10.48 -13.42
N VAL A 201 11.84 9.53 -13.02
CA VAL A 201 11.60 8.72 -11.84
C VAL A 201 12.90 8.60 -11.06
N SER A 202 12.81 8.43 -9.75
CA SER A 202 14.00 8.25 -8.92
C SER A 202 14.56 6.83 -9.08
N SER A 203 15.78 6.64 -8.59
N SER A 203 15.78 6.65 -8.60
CA SER A 203 16.50 5.39 -8.83
CA SER A 203 16.51 5.40 -8.81
C SER A 203 15.79 4.16 -8.26
C SER A 203 15.78 4.17 -8.27
N SER A 204 15.09 4.32 -7.14
CA SER A 204 14.38 3.19 -6.53
C SER A 204 13.34 2.62 -7.50
N PHE A 205 12.65 3.49 -8.24
CA PHE A 205 11.67 3.03 -9.20
C PHE A 205 12.36 2.38 -10.40
N THR A 206 13.42 3.01 -10.91
CA THR A 206 14.17 2.42 -12.01
C THR A 206 14.63 1.00 -11.66
N GLU A 207 15.08 0.83 -10.42
CA GLU A 207 15.64 -0.45 -9.98
C GLU A 207 14.58 -1.54 -9.71
N ASP A 208 13.32 -1.14 -9.54
CA ASP A 208 12.22 -2.09 -9.34
C ASP A 208 11.64 -2.46 -10.72
N SER A 209 12.25 -3.43 -11.41
CA SER A 209 11.86 -3.78 -12.78
C SER A 209 10.44 -4.31 -12.88
N THR A 210 9.90 -4.77 -11.77
CA THR A 210 8.58 -5.40 -11.71
C THR A 210 7.43 -4.41 -11.54
N ILE A 211 7.73 -3.16 -11.20
CA ILE A 211 6.68 -2.16 -10.92
C ILE A 211 6.62 -1.15 -12.05
N ASP A 212 5.51 -1.14 -12.79
CA ASP A 212 5.36 -0.28 -13.96
C ASP A 212 4.74 1.08 -13.62
N GLY A 213 4.43 1.28 -12.34
CA GLY A 213 3.81 2.51 -11.89
C GLY A 213 3.02 2.27 -10.63
N LEU A 214 2.37 3.32 -10.15
CA LEU A 214 1.57 3.24 -8.93
C LEU A 214 0.13 3.64 -9.23
N LEU A 215 -0.81 3.03 -8.51
CA LEU A 215 -2.21 3.42 -8.59
C LEU A 215 -2.65 3.82 -7.19
N GLY A 216 -2.79 5.12 -6.98
CA GLY A 216 -3.13 5.67 -5.67
C GLY A 216 -4.57 5.44 -5.29
N LEU A 217 -4.78 5.08 -4.03
CA LEU A 217 -6.09 4.79 -3.48
C LEU A 217 -6.36 5.53 -2.17
N ALA A 218 -5.53 6.51 -1.83
CA ALA A 218 -5.84 7.45 -0.77
C ALA A 218 -6.85 8.49 -1.26
N PHE A 219 -7.09 9.53 -0.48
CA PHE A 219 -8.13 10.49 -0.84
C PHE A 219 -7.61 11.46 -1.90
N SER A 220 -8.50 11.89 -2.79
CA SER A 220 -8.08 12.66 -3.95
C SER A 220 -7.48 14.03 -3.57
N THR A 221 -7.73 14.48 -2.35
CA THR A 221 -7.11 15.71 -1.87
C THR A 221 -5.57 15.66 -1.85
N LEU A 222 -4.98 14.46 -1.89
CA LEU A 222 -3.52 14.34 -1.97
C LEU A 222 -2.98 14.29 -3.39
N ASN A 223 -3.87 14.28 -4.39
CA ASN A 223 -3.39 14.17 -5.77
C ASN A 223 -2.52 15.37 -6.15
N THR A 224 -1.41 15.13 -6.83
CA THR A 224 -0.43 16.19 -7.07
C THR A 224 -0.57 16.93 -8.41
N VAL A 225 -1.56 16.59 -9.22
CA VAL A 225 -1.67 17.25 -10.52
C VAL A 225 -1.99 18.73 -10.36
N SER A 226 -1.29 19.55 -11.14
CA SER A 226 -1.41 20.99 -11.12
C SER A 226 -1.60 21.46 -12.57
N PRO A 227 -2.43 22.49 -12.80
CA PRO A 227 -3.14 23.33 -11.82
C PRO A 227 -4.51 22.79 -11.43
N THR A 228 -4.93 21.68 -12.03
CA THR A 228 -6.25 21.12 -11.78
C THR A 228 -6.07 19.75 -11.16
N GLN A 229 -6.31 19.65 -9.86
CA GLN A 229 -6.16 18.39 -9.14
C GLN A 229 -7.10 17.34 -9.74
N GLN A 230 -6.61 16.11 -9.80
CA GLN A 230 -7.36 15.01 -10.41
C GLN A 230 -7.82 13.97 -9.38
N LYS A 231 -8.84 13.20 -9.76
CA LYS A 231 -9.42 12.19 -8.90
C LYS A 231 -8.75 10.83 -9.06
N THR A 232 -8.74 10.05 -8.00
CA THR A 232 -8.23 8.68 -8.07
C THR A 232 -9.19 7.79 -8.86
N PHE A 233 -8.67 6.65 -9.28
CA PHE A 233 -9.48 5.63 -9.94
C PHE A 233 -10.71 5.28 -9.10
N PHE A 234 -10.51 5.09 -7.80
CA PHE A 234 -11.62 4.74 -6.90
C PHE A 234 -12.65 5.85 -6.84
N ASP A 235 -12.21 7.10 -6.71
N ASP A 235 -12.18 7.09 -6.72
CA ASP A 235 -13.17 8.18 -6.66
CA ASP A 235 -13.04 8.26 -6.66
C ASP A 235 -13.95 8.30 -7.96
C ASP A 235 -13.89 8.38 -7.93
N ASN A 236 -13.27 8.14 -9.08
CA ASN A 236 -13.98 8.17 -10.36
C ASN A 236 -14.98 7.02 -10.49
N ALA A 237 -14.61 5.85 -9.99
CA ALA A 237 -15.47 4.68 -10.13
C ALA A 237 -16.65 4.67 -9.16
N LYS A 238 -16.54 5.42 -8.08
CA LYS A 238 -17.38 5.23 -6.90
C LYS A 238 -18.88 5.24 -7.13
N ALA A 239 -19.35 6.20 -7.92
CA ALA A 239 -20.77 6.37 -8.13
C ALA A 239 -21.37 5.20 -8.92
N SER A 240 -20.53 4.55 -9.73
N SER A 240 -20.54 4.54 -9.73
CA SER A 240 -20.98 3.43 -10.54
CA SER A 240 -21.00 3.41 -10.54
C SER A 240 -20.93 2.11 -9.77
C SER A 240 -20.89 2.08 -9.81
N LEU A 241 -20.15 2.07 -8.71
CA LEU A 241 -19.96 0.83 -7.95
C LEU A 241 -21.23 0.43 -7.21
N ASP A 242 -21.42 -0.87 -7.05
CA ASP A 242 -22.59 -1.36 -6.32
C ASP A 242 -22.58 -0.82 -4.90
N SER A 243 -21.40 -0.75 -4.30
CA SER A 243 -21.19 -0.19 -2.96
C SER A 243 -19.89 0.59 -3.03
N PRO A 244 -19.81 1.74 -2.33
CA PRO A 244 -18.65 2.64 -2.46
C PRO A 244 -17.45 2.18 -1.61
N VAL A 245 -16.93 1.01 -1.96
CA VAL A 245 -15.90 0.32 -1.17
C VAL A 245 -14.89 -0.33 -2.09
N PHE A 246 -13.69 -0.54 -1.56
CA PHE A 246 -12.76 -1.51 -2.14
C PHE A 246 -12.16 -2.30 -0.98
N THR A 247 -11.67 -3.48 -1.27
CA THR A 247 -11.07 -4.34 -0.25
C THR A 247 -9.69 -4.80 -0.68
N ALA A 248 -8.80 -4.92 0.30
CA ALA A 248 -7.45 -5.43 0.13
C ALA A 248 -7.32 -6.73 0.90
N ASP A 249 -6.93 -7.77 0.17
CA ASP A 249 -6.74 -9.10 0.74
C ASP A 249 -5.38 -9.57 0.28
N LEU A 250 -4.34 -9.09 0.95
CA LEU A 250 -2.97 -9.37 0.54
C LEU A 250 -2.53 -10.72 1.08
N GLY A 251 -1.79 -11.47 0.26
CA GLY A 251 -1.29 -12.77 0.68
C GLY A 251 0.08 -12.71 1.33
N TYR A 252 0.34 -13.67 2.21
CA TYR A 252 1.68 -13.89 2.73
C TYR A 252 2.40 -14.87 1.82
N HIS A 253 3.42 -14.37 1.14
CA HIS A 253 4.18 -15.18 0.18
C HIS A 253 3.25 -15.86 -0.83
N ALA A 254 2.21 -15.14 -1.25
CA ALA A 254 1.18 -15.71 -2.12
C ALA A 254 0.37 -14.59 -2.72
N PRO A 255 -0.28 -14.85 -3.88
CA PRO A 255 -1.19 -13.83 -4.39
C PRO A 255 -2.41 -13.57 -3.51
N GLY A 256 -3.01 -12.42 -3.74
CA GLY A 256 -4.22 -12.02 -3.05
C GLY A 256 -5.12 -11.27 -4.01
N THR A 257 -6.02 -10.45 -3.47
CA THR A 257 -7.05 -9.84 -4.28
C THR A 257 -7.38 -8.41 -3.86
N TYR A 258 -7.62 -7.55 -4.85
CA TYR A 258 -8.28 -6.26 -4.67
C TYR A 258 -9.65 -6.34 -5.33
N ASN A 259 -10.71 -6.10 -4.55
CA ASN A 259 -12.06 -6.03 -5.07
C ASN A 259 -12.59 -4.61 -4.98
N PHE A 260 -13.39 -4.22 -5.96
CA PHE A 260 -14.01 -2.91 -5.98
C PHE A 260 -15.52 -3.09 -6.05
N GLY A 261 -16.23 -2.43 -5.14
CA GLY A 261 -17.69 -2.36 -5.22
C GLY A 261 -18.46 -3.44 -4.48
N PHE A 262 -17.78 -4.39 -3.85
CA PHE A 262 -18.46 -5.44 -3.09
C PHE A 262 -17.52 -6.02 -2.06
N ILE A 263 -18.12 -6.63 -1.04
CA ILE A 263 -17.38 -7.32 0.01
C ILE A 263 -17.61 -8.83 -0.16
N ASP A 264 -16.52 -9.56 -0.41
CA ASP A 264 -16.60 -11.01 -0.61
C ASP A 264 -16.66 -11.68 0.74
N THR A 265 -17.85 -12.11 1.13
CA THR A 265 -18.07 -12.67 2.46
C THR A 265 -17.45 -14.06 2.63
N THR A 266 -16.91 -14.63 1.55
CA THR A 266 -16.22 -15.93 1.64
C THR A 266 -14.72 -15.75 1.90
N ALA A 267 -14.26 -14.49 1.90
CA ALA A 267 -12.83 -14.20 1.92
C ALA A 267 -12.26 -13.98 3.33
N TYR A 268 -13.11 -14.03 4.35
CA TYR A 268 -12.65 -13.80 5.72
C TYR A 268 -13.39 -14.70 6.68
N THR A 269 -12.87 -14.80 7.90
CA THR A 269 -13.50 -15.58 8.96
C THR A 269 -14.08 -14.61 9.98
N GLY A 270 -15.05 -15.06 10.75
CA GLY A 270 -15.68 -14.24 11.76
C GLY A 270 -16.35 -13.02 11.15
N SER A 271 -16.32 -11.91 11.88
N SER A 271 -16.32 -11.92 11.89
CA SER A 271 -16.96 -10.68 11.46
CA SER A 271 -16.95 -10.67 11.49
C SER A 271 -15.95 -9.57 11.18
C SER A 271 -15.90 -9.64 11.07
N ILE A 272 -16.38 -8.60 10.39
CA ILE A 272 -15.55 -7.44 10.07
C ILE A 272 -15.82 -6.38 11.15
N THR A 273 -14.76 -5.88 11.78
CA THR A 273 -14.91 -4.80 12.75
C THR A 273 -14.53 -3.49 12.08
N TYR A 274 -15.47 -2.56 12.08
CA TYR A 274 -15.24 -1.26 11.46
C TYR A 274 -14.81 -0.21 12.47
N THR A 275 -13.99 0.71 12.01
CA THR A 275 -13.39 1.71 12.87
C THR A 275 -13.33 3.05 12.12
N ALA A 276 -13.41 4.15 12.86
CA ALA A 276 -13.51 5.46 12.26
C ALA A 276 -12.23 5.89 11.54
N VAL A 277 -12.42 6.67 10.48
CA VAL A 277 -11.32 7.19 9.68
C VAL A 277 -11.34 8.71 9.73
N SER A 278 -10.14 9.29 9.84
CA SER A 278 -9.95 10.72 9.65
C SER A 278 -9.33 10.94 8.28
N THR A 279 -9.93 11.83 7.49
CA THR A 279 -9.42 12.17 6.18
C THR A 279 -8.64 13.49 6.20
N LYS A 280 -8.41 14.01 7.39
CA LYS A 280 -7.80 15.34 7.55
C LYS A 280 -6.43 15.48 6.88
N GLN A 281 -5.66 14.40 6.84
CA GLN A 281 -4.35 14.43 6.19
C GLN A 281 -4.38 13.74 4.81
N GLY A 282 -5.58 13.34 4.37
CA GLY A 282 -5.74 12.69 3.08
C GLY A 282 -5.52 11.19 3.04
N PHE A 283 -5.20 10.62 4.19
CA PHE A 283 -4.90 9.19 4.30
C PHE A 283 -6.08 8.41 4.88
N TRP A 284 -6.01 7.09 4.78
CA TRP A 284 -6.90 6.21 5.52
C TRP A 284 -6.35 6.09 6.94
N GLU A 285 -6.62 7.12 7.73
CA GLU A 285 -6.03 7.28 9.06
C GLU A 285 -7.02 6.85 10.12
N TRP A 286 -6.55 6.02 11.04
CA TRP A 286 -7.42 5.41 12.03
C TRP A 286 -6.66 5.23 13.32
N THR A 287 -7.34 4.77 14.37
CA THR A 287 -6.70 4.59 15.67
C THR A 287 -6.85 3.17 16.17
N SER A 288 -5.73 2.45 16.23
CA SER A 288 -5.72 1.13 16.82
C SER A 288 -5.89 1.25 18.33
N THR A 289 -6.51 0.24 18.93
CA THR A 289 -6.82 0.25 20.35
C THR A 289 -5.75 -0.40 21.23
N GLY A 290 -4.69 -0.92 20.62
CA GLY A 290 -3.57 -1.42 21.40
C GLY A 290 -2.84 -2.57 20.75
N TYR A 291 -2.03 -3.27 21.54
CA TYR A 291 -1.23 -4.35 21.00
C TYR A 291 -0.86 -5.39 22.03
N ALA A 292 -0.44 -6.54 21.55
CA ALA A 292 0.19 -7.57 22.38
C ALA A 292 1.38 -8.14 21.62
N VAL A 293 2.35 -8.63 22.38
CA VAL A 293 3.53 -9.32 21.84
C VAL A 293 3.42 -10.81 22.18
N GLY A 294 3.39 -11.66 21.16
CA GLY A 294 3.31 -13.09 21.40
C GLY A 294 2.08 -13.44 22.21
N SER A 295 2.25 -14.27 23.24
CA SER A 295 1.16 -14.66 24.12
C SER A 295 0.99 -13.72 25.32
N GLY A 296 1.63 -12.56 25.25
CA GLY A 296 1.58 -11.60 26.35
C GLY A 296 0.25 -10.88 26.46
N THR A 297 0.10 -10.15 27.56
CA THR A 297 -1.14 -9.45 27.83
C THR A 297 -1.31 -8.27 26.86
N PHE A 298 -2.55 -8.00 26.51
CA PHE A 298 -2.87 -6.89 25.62
C PHE A 298 -2.74 -5.56 26.37
N LYS A 299 -2.03 -4.63 25.75
CA LYS A 299 -1.87 -3.28 26.24
C LYS A 299 -2.86 -2.37 25.54
N SER A 300 -3.82 -1.84 26.28
CA SER A 300 -4.77 -0.88 25.75
C SER A 300 -4.13 0.49 25.64
N THR A 301 -3.99 0.98 24.42
CA THR A 301 -3.35 2.25 24.15
C THR A 301 -3.71 2.67 22.73
N SER A 302 -4.02 3.95 22.56
CA SER A 302 -4.41 4.48 21.26
C SER A 302 -3.20 4.69 20.37
N ILE A 303 -3.21 4.05 19.20
CA ILE A 303 -2.13 4.23 18.23
C ILE A 303 -2.73 4.71 16.90
N ASP A 304 -2.58 6.01 16.64
N ASP A 304 -2.54 5.99 16.61
CA ASP A 304 -3.00 6.59 15.39
CA ASP A 304 -3.03 6.58 15.37
C ASP A 304 -2.07 6.08 14.30
C ASP A 304 -2.08 6.30 14.22
N GLY A 305 -2.60 5.79 13.11
CA GLY A 305 -1.75 5.45 12.00
C GLY A 305 -2.54 5.34 10.72
N ILE A 306 -1.84 5.04 9.63
CA ILE A 306 -2.49 4.95 8.33
C ILE A 306 -2.42 3.52 7.80
N ALA A 307 -3.47 3.12 7.09
CA ALA A 307 -3.49 1.86 6.38
C ALA A 307 -2.89 2.11 5.01
N ASP A 308 -1.69 1.58 4.79
CA ASP A 308 -0.90 1.91 3.60
C ASP A 308 -0.39 0.64 2.89
N THR A 309 -1.12 0.23 1.87
CA THR A 309 -0.73 -0.94 1.10
C THR A 309 0.58 -0.75 0.34
N GLY A 310 0.99 0.50 0.13
CA GLY A 310 2.21 0.80 -0.58
C GLY A 310 3.47 0.86 0.26
N THR A 311 3.37 0.55 1.56
CA THR A 311 4.51 0.43 2.46
C THR A 311 4.67 -1.04 2.85
N THR A 312 5.90 -1.51 2.84
CA THR A 312 6.19 -2.93 3.08
C THR A 312 5.96 -3.34 4.54
N LEU A 313 6.51 -2.55 5.45
CA LEU A 313 6.61 -2.94 6.84
C LEU A 313 5.59 -2.26 7.75
N LEU A 314 5.62 -2.64 9.02
CA LEU A 314 4.78 -2.07 10.06
C LEU A 314 5.63 -1.13 10.92
N TYR A 315 5.29 0.17 10.89
CA TYR A 315 6.04 1.18 11.59
C TYR A 315 5.19 1.73 12.74
N LEU A 316 5.69 1.57 13.96
CA LEU A 316 4.95 1.87 15.17
C LEU A 316 5.82 2.66 16.16
N PRO A 317 5.22 3.22 17.20
CA PRO A 317 6.04 4.01 18.14
C PRO A 317 7.19 3.21 18.74
N ALA A 318 8.26 3.90 19.08
CA ALA A 318 9.49 3.27 19.55
C ALA A 318 9.24 2.42 20.79
N THR A 319 8.36 2.86 21.68
CA THR A 319 7.99 2.08 22.86
C THR A 319 7.45 0.70 22.50
N VAL A 320 6.52 0.68 21.56
CA VAL A 320 5.86 -0.56 21.13
C VAL A 320 6.86 -1.49 20.46
N VAL A 321 7.67 -0.92 19.58
CA VAL A 321 8.64 -1.70 18.82
C VAL A 321 9.73 -2.29 19.73
N SER A 322 10.19 -1.49 20.69
CA SER A 322 11.15 -1.99 21.67
C SER A 322 10.57 -3.16 22.47
N ALA A 323 9.31 -3.05 22.90
CA ALA A 323 8.66 -4.13 23.64
C ALA A 323 8.60 -5.41 22.81
N TYR A 324 8.36 -5.27 21.51
CA TYR A 324 8.35 -6.44 20.62
C TYR A 324 9.72 -7.09 20.54
N TRP A 325 10.75 -6.33 20.15
CA TRP A 325 12.05 -6.91 19.89
C TRP A 325 12.75 -7.39 21.16
N ALA A 326 12.35 -6.87 22.32
CA ALA A 326 12.90 -7.34 23.58
C ALA A 326 12.58 -8.82 23.82
N GLN A 327 11.58 -9.35 23.13
CA GLN A 327 11.21 -10.76 23.27
C GLN A 327 11.92 -11.69 22.29
N VAL A 328 12.86 -11.13 21.52
CA VAL A 328 13.65 -11.92 20.57
C VAL A 328 15.12 -11.87 21.00
N SER A 329 15.66 -13.02 21.39
N SER A 329 15.67 -13.02 21.40
CA SER A 329 17.05 -13.08 21.85
CA SER A 329 17.05 -13.05 21.89
C SER A 329 18.00 -12.57 20.77
C SER A 329 18.03 -12.62 20.81
N GLY A 330 18.86 -11.63 21.15
CA GLY A 330 19.86 -11.13 20.24
C GLY A 330 19.40 -10.00 19.32
N ALA A 331 18.13 -9.66 19.37
CA ALA A 331 17.64 -8.57 18.53
C ALA A 331 18.18 -7.24 19.01
N LYS A 332 18.44 -6.33 18.07
CA LYS A 332 18.95 -5.02 18.40
C LYS A 332 18.64 -4.05 17.29
N SER A 333 18.61 -2.77 17.62
CA SER A 333 18.50 -1.74 16.60
C SER A 333 19.90 -1.39 16.12
N SER A 334 20.08 -1.47 14.80
CA SER A 334 21.34 -1.16 14.17
C SER A 334 21.24 0.11 13.35
N SER A 335 21.96 1.16 13.76
CA SER A 335 21.95 2.38 12.98
C SER A 335 22.67 2.19 11.64
N SER A 336 23.63 1.27 11.59
CA SER A 336 24.34 1.02 10.34
C SER A 336 23.42 0.36 9.31
N VAL A 337 22.57 -0.56 9.77
CA VAL A 337 21.65 -1.24 8.87
C VAL A 337 20.40 -0.40 8.60
N GLY A 338 19.96 0.34 9.61
CA GLY A 338 18.79 1.21 9.48
C GLY A 338 17.53 0.67 10.14
N GLY A 339 17.69 -0.10 11.23
CA GLY A 339 16.56 -0.57 11.99
C GLY A 339 16.88 -1.80 12.80
N TYR A 340 15.84 -2.42 13.33
CA TYR A 340 15.96 -3.63 14.09
C TYR A 340 16.33 -4.81 13.22
N VAL A 341 17.33 -5.54 13.70
CA VAL A 341 17.78 -6.79 13.12
C VAL A 341 17.74 -7.85 14.19
N PHE A 342 17.73 -9.11 13.78
CA PHE A 342 17.67 -10.20 14.72
C PHE A 342 18.43 -11.40 14.17
N PRO A 343 18.88 -12.30 15.04
CA PRO A 343 19.60 -13.46 14.53
C PRO A 343 18.69 -14.33 13.69
N CYS A 344 19.17 -14.76 12.52
CA CYS A 344 18.31 -15.54 11.64
C CYS A 344 17.93 -16.89 12.25
N SER A 345 18.62 -17.30 13.31
CA SER A 345 18.28 -18.52 14.03
C SER A 345 17.07 -18.38 14.97
N ALA A 346 16.56 -17.16 15.13
CA ALA A 346 15.48 -16.92 16.06
C ALA A 346 14.13 -17.40 15.55
N THR A 347 13.24 -17.69 16.50
CA THR A 347 11.83 -17.87 16.18
C THR A 347 11.11 -16.62 16.66
N LEU A 348 10.44 -15.92 15.76
CA LEU A 348 9.79 -14.67 16.11
C LEU A 348 8.41 -14.86 16.74
N PRO A 349 8.11 -14.07 17.77
CA PRO A 349 6.74 -14.07 18.31
C PRO A 349 5.76 -13.36 17.38
N SER A 350 4.48 -13.67 17.53
CA SER A 350 3.44 -12.94 16.84
C SER A 350 3.30 -11.53 17.41
N PHE A 351 2.54 -10.70 16.69
CA PHE A 351 2.22 -9.35 17.13
C PHE A 351 0.74 -9.14 16.87
N THR A 352 0.01 -8.74 17.91
CA THR A 352 -1.41 -8.50 17.80
C THR A 352 -1.68 -7.00 17.84
N PHE A 353 -2.56 -6.51 16.97
CA PHE A 353 -3.05 -5.14 17.07
C PHE A 353 -4.57 -5.10 17.22
N GLY A 354 -5.04 -4.09 17.95
CA GLY A 354 -6.45 -3.94 18.22
C GLY A 354 -7.16 -3.11 17.18
N VAL A 355 -8.37 -3.55 16.85
CA VAL A 355 -9.30 -2.81 16.02
C VAL A 355 -10.59 -2.79 16.83
N GLY A 356 -10.90 -1.67 17.46
CA GLY A 356 -11.98 -1.67 18.44
C GLY A 356 -11.72 -2.78 19.45
N SER A 357 -12.75 -3.57 19.74
N SER A 357 -12.74 -3.58 19.72
CA SER A 357 -12.61 -4.69 20.67
CA SER A 357 -12.63 -4.68 20.66
C SER A 357 -12.11 -5.96 20.00
C SER A 357 -12.04 -5.94 20.01
N ALA A 358 -11.85 -5.90 18.70
CA ALA A 358 -11.33 -7.04 17.96
C ALA A 358 -9.79 -7.02 17.93
N ARG A 359 -9.22 -8.14 17.50
CA ARG A 359 -7.78 -8.32 17.49
C ARG A 359 -7.35 -8.97 16.19
N ILE A 360 -6.32 -8.41 15.57
CA ILE A 360 -5.70 -9.01 14.40
C ILE A 360 -4.31 -9.51 14.79
N VAL A 361 -4.05 -10.80 14.52
CA VAL A 361 -2.77 -11.42 14.90
C VAL A 361 -1.89 -11.58 13.68
N ILE A 362 -0.72 -10.94 13.75
CA ILE A 362 0.30 -11.06 12.72
C ILE A 362 1.24 -12.20 13.14
N PRO A 363 1.25 -13.32 12.40
CA PRO A 363 2.17 -14.40 12.79
C PRO A 363 3.62 -13.96 12.75
N GLY A 364 4.44 -14.57 13.61
CA GLY A 364 5.86 -14.26 13.67
C GLY A 364 6.56 -14.34 12.32
N ASP A 365 6.20 -15.34 11.53
N ASP A 365 6.24 -15.33 11.49
CA ASP A 365 6.85 -15.52 10.22
CA ASP A 365 6.99 -15.44 10.23
C ASP A 365 6.70 -14.27 9.33
C ASP A 365 6.65 -14.32 9.22
N TYR A 366 5.58 -13.57 9.45
CA TYR A 366 5.31 -12.39 8.62
C TYR A 366 6.30 -11.27 8.91
N ILE A 367 6.96 -11.33 10.07
CA ILE A 367 7.82 -10.26 10.56
C ILE A 367 9.30 -10.52 10.16
N ASP A 368 9.54 -11.64 9.48
CA ASP A 368 10.88 -12.00 9.01
C ASP A 368 11.12 -11.50 7.58
N PHE A 369 12.04 -10.56 7.42
CA PHE A 369 12.41 -10.07 6.08
C PHE A 369 13.78 -10.54 5.62
N GLY A 370 14.27 -11.58 6.29
CA GLY A 370 15.42 -12.31 5.79
C GLY A 370 16.74 -11.61 5.96
N PRO A 371 17.80 -12.25 5.47
CA PRO A 371 19.16 -11.72 5.67
C PRO A 371 19.33 -10.29 5.18
N ILE A 372 20.06 -9.49 5.93
CA ILE A 372 20.25 -8.09 5.57
C ILE A 372 21.01 -7.95 4.25
N SER A 373 21.88 -8.92 3.99
CA SER A 373 22.61 -9.06 2.75
C SER A 373 22.74 -10.56 2.49
N THR A 374 22.93 -10.95 1.24
CA THR A 374 23.02 -12.36 0.90
C THR A 374 24.05 -13.08 1.76
N GLY A 375 23.62 -14.17 2.40
CA GLY A 375 24.52 -15.01 3.17
C GLY A 375 24.67 -14.57 4.62
N SER A 376 24.13 -13.41 5.00
CA SER A 376 24.26 -12.94 6.36
C SER A 376 23.39 -13.74 7.31
N SER A 377 23.86 -13.89 8.54
CA SER A 377 23.04 -14.47 9.61
C SER A 377 22.28 -13.44 10.43
N SER A 378 22.35 -12.17 10.03
N SER A 378 22.34 -12.18 10.01
CA SER A 378 21.52 -11.14 10.61
CA SER A 378 21.54 -11.11 10.60
C SER A 378 20.34 -10.91 9.68
C SER A 378 20.34 -10.86 9.69
N CYS A 379 19.15 -10.95 10.26
CA CYS A 379 17.91 -10.82 9.51
C CYS A 379 17.21 -9.49 9.82
N PHE A 380 16.51 -8.95 8.84
CA PHE A 380 15.85 -7.66 9.02
C PHE A 380 14.43 -7.82 9.52
N GLY A 381 14.06 -7.02 10.53
CA GLY A 381 12.74 -7.13 11.14
C GLY A 381 11.65 -6.42 10.37
N GLY A 382 10.45 -6.99 10.45
CA GLY A 382 9.29 -6.43 9.77
C GLY A 382 8.47 -5.42 10.54
N ILE A 383 8.83 -5.26 11.82
CA ILE A 383 8.27 -4.21 12.67
C ILE A 383 9.42 -3.26 13.00
N GLN A 384 9.21 -1.99 12.70
CA GLN A 384 10.25 -0.99 12.84
C GLN A 384 9.68 0.27 13.48
N SER A 385 10.53 1.10 14.05
CA SER A 385 10.10 2.34 14.67
C SER A 385 9.63 3.37 13.65
N SER A 386 8.53 4.05 13.98
CA SER A 386 8.06 5.18 13.17
C SER A 386 8.67 6.52 13.60
N ALA A 387 9.56 6.49 14.60
N ALA A 387 9.57 6.48 14.58
CA ALA A 387 10.17 7.73 15.06
CA ALA A 387 10.06 7.71 15.23
C ALA A 387 11.00 8.35 13.93
C ALA A 387 10.50 8.83 14.28
N GLY A 388 10.70 9.60 13.60
N GLY A 388 11.17 8.48 13.18
CA GLY A 388 11.35 10.27 12.50
CA GLY A 388 11.70 9.46 12.26
C GLY A 388 10.47 10.28 11.26
C GLY A 388 10.82 9.73 11.03
N ILE A 389 9.56 9.31 11.12
CA ILE A 389 8.62 9.35 9.99
C ILE A 389 7.56 10.42 10.20
N GLY A 390 7.09 10.57 11.43
CA GLY A 390 6.06 11.54 11.74
C GLY A 390 4.67 10.95 11.79
N ILE A 391 4.53 9.69 11.37
N ILE A 391 4.51 9.71 11.32
CA ILE A 391 3.26 9.00 11.37
CA ILE A 391 3.24 9.00 11.45
C ILE A 391 3.48 7.49 11.52
C ILE A 391 3.51 7.51 11.60
N ASN A 392 2.55 6.80 12.18
CA ASN A 392 2.62 5.35 12.25
C ASN A 392 2.01 4.78 10.98
N ILE A 393 2.57 3.68 10.51
CA ILE A 393 2.16 3.11 9.22
C ILE A 393 1.86 1.63 9.36
N PHE A 394 0.59 1.30 9.19
CA PHE A 394 0.14 -0.09 9.07
C PHE A 394 0.32 -0.51 7.62
N GLY A 395 1.54 -0.93 7.31
CA GLY A 395 1.90 -1.37 5.97
C GLY A 395 1.56 -2.83 5.75
N ASP A 396 2.14 -3.41 4.70
CA ASP A 396 1.76 -4.74 4.25
C ASP A 396 1.89 -5.81 5.33
N VAL A 397 2.93 -5.74 6.16
CA VAL A 397 3.11 -6.69 7.23
C VAL A 397 1.86 -6.84 8.08
N ALA A 398 1.21 -5.71 8.39
CA ALA A 398 -0.02 -5.73 9.18
C ALA A 398 -1.23 -6.07 8.31
N LEU A 399 -1.34 -5.42 7.16
CA LEU A 399 -2.54 -5.56 6.36
C LEU A 399 -2.72 -6.97 5.81
N LYS A 400 -1.63 -7.67 5.49
N LYS A 400 -1.62 -7.65 5.50
CA LYS A 400 -1.78 -8.99 4.92
CA LYS A 400 -1.71 -8.99 4.92
C LYS A 400 -2.22 -10.05 5.92
C LYS A 400 -2.28 -10.01 5.91
N ALA A 401 -2.23 -9.70 7.20
CA ALA A 401 -2.81 -10.56 8.23
C ALA A 401 -4.35 -10.43 8.32
N ALA A 402 -4.93 -9.53 7.52
CA ALA A 402 -6.36 -9.24 7.60
C ALA A 402 -6.99 -9.14 6.22
N PHE A 403 -8.32 -9.24 6.23
CA PHE A 403 -9.15 -8.80 5.12
C PHE A 403 -9.57 -7.37 5.47
N VAL A 404 -9.24 -6.42 4.62
CA VAL A 404 -9.37 -5.00 4.95
C VAL A 404 -10.35 -4.30 4.00
N VAL A 405 -11.36 -3.66 4.59
CA VAL A 405 -12.37 -2.92 3.84
C VAL A 405 -12.08 -1.44 3.92
N PHE A 406 -11.91 -0.82 2.76
CA PHE A 406 -11.75 0.62 2.65
C PHE A 406 -13.13 1.16 2.22
N ASN A 407 -13.89 1.65 3.20
CA ASN A 407 -15.25 2.11 2.94
C ASN A 407 -15.26 3.59 2.63
N GLY A 408 -15.52 3.92 1.36
CA GLY A 408 -15.49 5.28 0.86
C GLY A 408 -16.86 5.93 0.80
N ALA A 409 -17.76 5.51 1.68
CA ALA A 409 -19.04 6.20 1.86
C ALA A 409 -18.81 7.64 2.35
N THR A 410 -19.88 8.43 2.43
CA THR A 410 -19.75 9.84 2.76
C THR A 410 -18.96 10.06 4.05
N THR A 411 -19.19 9.20 5.03
CA THR A 411 -18.34 9.12 6.22
C THR A 411 -17.49 7.85 6.07
N PRO A 412 -16.25 8.00 5.62
N PRO A 412 -16.22 8.00 5.71
CA PRO A 412 -15.44 6.79 5.42
CA PRO A 412 -15.41 6.82 5.45
C PRO A 412 -15.09 6.05 6.70
C PRO A 412 -15.06 6.05 6.72
N THR A 413 -14.91 4.73 6.58
CA THR A 413 -14.48 3.90 7.68
C THR A 413 -13.55 2.82 7.13
N LEU A 414 -12.99 2.05 8.05
N LEU A 414 -12.83 2.16 8.03
CA LEU A 414 -12.02 1.02 7.73
CA LEU A 414 -12.03 0.99 7.70
C LEU A 414 -12.39 -0.25 8.50
C LEU A 414 -12.62 -0.20 8.43
N GLY A 415 -12.58 -1.36 7.79
CA GLY A 415 -12.99 -2.62 8.40
C GLY A 415 -11.85 -3.62 8.35
N PHE A 416 -11.70 -4.38 9.43
CA PHE A 416 -10.72 -5.45 9.51
C PHE A 416 -11.38 -6.74 9.95
N ALA A 417 -11.04 -7.82 9.25
CA ALA A 417 -11.43 -9.16 9.67
C ALA A 417 -10.22 -10.08 9.61
N SER A 418 -10.22 -11.09 10.45
N SER A 418 -10.24 -11.11 10.45
CA SER A 418 -9.26 -12.18 10.35
CA SER A 418 -9.28 -12.20 10.36
C SER A 418 -9.61 -13.03 9.12
C SER A 418 -9.61 -13.03 9.12
N LYS A 419 -8.66 -13.85 8.69
CA LYS A 419 -8.89 -14.67 7.51
C LYS A 419 -8.02 -15.92 7.53
S DMS B . 8.69 0.68 0.92
O DMS B . 7.83 0.63 2.16
C1 DMS B . 7.71 0.13 -0.48
C2 DMS B . 8.88 2.42 0.45
C1 GOL C . -2.93 -15.12 9.75
O1 GOL C . -3.23 -16.40 10.25
C2 GOL C . -3.84 -14.10 10.43
O2 GOL C . -3.83 -14.22 11.86
C3 GOL C . -5.24 -14.29 9.87
O3 GOL C . -6.08 -13.22 10.26
C1 GOL D . 6.00 7.95 16.95
C1 GOL D . 5.63 7.82 17.01
O1 GOL D . 7.13 7.59 16.20
O1 GOL D . 6.02 8.16 18.34
C2 GOL D . 5.32 9.14 16.30
C2 GOL D . 4.87 8.99 16.42
O2 GOL D . 6.28 10.16 16.09
O2 GOL D . 5.48 10.19 16.80
C3 GOL D . 4.78 8.72 14.93
C3 GOL D . 4.88 8.89 14.89
O3 GOL D . 5.86 8.71 14.03
O3 GOL D . 6.17 9.24 14.42
C1 GOL E . 5.03 -10.86 -14.75
O1 GOL E . 5.86 -10.07 -15.57
C2 GOL E . 4.85 -10.16 -13.40
O2 GOL E . 4.22 -11.08 -12.52
C3 GOL E . 6.21 -9.75 -12.85
O3 GOL E . 6.77 -8.78 -13.71
C ACT F . 15.46 -16.23 7.47
O ACT F . 16.53 -16.48 6.88
OXT ACT F . 14.61 -15.62 6.78
CH3 ACT F . 15.19 -16.60 8.90
C11 61P G . 9.60 7.91 5.85
C12 61P G . 9.42 6.48 5.56
C13 61P G . 10.15 5.52 6.27
C14 61P G . 9.96 4.18 6.01
C15 61P G . 9.06 3.77 5.06
N4 61P G . 6.70 5.06 2.60
O1 61P G . 5.27 6.43 0.70
C18 61P G . 5.17 5.20 0.80
C19 61P G . 4.24 4.41 -0.14
C20 61P G . 4.61 4.67 -1.61
C21 61P G . 6.04 4.35 -1.97
C28 61P G . 6.51 3.26 -2.78
C27 61P G . 5.89 2.21 -3.45
C26 61P G . 6.67 1.32 -4.19
C25 61P G . 8.04 1.45 -4.26
C24 61P G . 8.68 2.49 -3.60
C23 61P G . 7.91 3.40 -2.87
N7 61P G . 8.27 4.50 -2.15
C22 61P G . 7.14 5.07 -1.61
N6 61P G . 2.84 4.81 0.16
N5 61P G . 5.85 4.46 1.69
C17 61P G . 7.38 4.24 3.31
C16 61P G . 8.32 4.70 4.33
C29 61P G . 8.51 6.06 4.59
C1 EDO H . -8.94 9.32 14.20
O1 EDO H . -9.92 8.34 13.81
C2 EDO H . -7.66 8.99 13.46
O2 EDO H . -6.75 10.09 13.62
O1 PG4 I . 17.57 -2.68 4.85
C1 PG4 I . 18.22 -3.85 5.34
C2 PG4 I . 18.35 -4.90 4.27
O2 PG4 I . 17.07 -5.18 3.73
C3 PG4 I . 16.72 -6.56 3.81
C4 PG4 I . 15.44 -6.76 3.07
O3 PG4 I . 14.44 -5.88 3.57
C5 PG4 I . 13.20 -6.00 2.88
C6 PG4 I . 12.17 -5.08 3.46
O4 PG4 I . 12.41 -3.74 3.05
C7 PG4 I . 11.36 -2.86 3.46
C8 PG4 I . 11.75 -1.44 3.17
O5 PG4 I . 12.83 -1.00 3.97
#